data_5L2W
#
_entry.id   5L2W
#
_cell.length_a   100.307
_cell.length_b   100.307
_cell.length_c   151.857
_cell.angle_alpha   90.00
_cell.angle_beta   90.00
_cell.angle_gamma   90.00
#
_symmetry.space_group_name_H-M   'P 41 21 2'
#
loop_
_entity.id
_entity.type
_entity.pdbx_description
1 polymer 'Cyclin-dependent kinase 2'
2 polymer 'G1/S-specific cyclin-E1'
3 non-polymer 3-[({3-ethyl-5-[(2S)-2-(2-hydroxyethyl)piperidin-1-yl]pyrazolo[1,5-a]pyrimidin-7-yl}amino)methyl]-1-hydroxypyridinium
4 non-polymer GLYCEROL
5 water water
#
loop_
_entity_poly.entity_id
_entity_poly.type
_entity_poly.pdbx_seq_one_letter_code
_entity_poly.pdbx_strand_id
1 'polypeptide(L)'
;SMENFQKVEKIGEGTYGVVYKARNKLTGEVVALKKIRLDTETEGVPSTAIREISLLKELNHPNIVKLLDVIHTENKLYLV
FEFLHQDLKKFMDASALTGIPLPLIKSYLFQLLQGLAFCHSHRVLHRDLKPQNLLINTEGAIKLADFGLARAFGVPVRTY
(TPO)HEVVTLWYRAPEILLGCKYYSTAVDIWSLGCIFAEMVTRRALFPGDSEIDQLFRIFRTLGTPDEVVWPGVTSMPD
YKPSFPKWARQDFSKVVPPLDEDGRSLLSQMLHYDPNKRISAKAALAHPFFQDVTKPVPHLRL
;
A
2 'polypeptide(L)'
;MASHHHHHHDYDGATTENLYFQGSIIAPSRGSPLPVLSWANREEVWKIMLNKEKTYLRDQHFLEQHPLLQPKMRAILLDW
LMEVCEVYKLHRETFYLAQDFFDRYMATQENVVKTLLQLIGISSLFIAAKLEEIYPPKLHQFAYVTDGACSGDEILTMEL
MIMKALKWRLSPLTIVSWLNVYMQVAYLNDLHEVLLPQYPQQIFIQIAELLDLCVLDVDCLEFPYGILAASALYHFSSSE
LMQKVSGYQWCDIENCVKWMVPFAMVIRETGSSKLKHFRGVADEDAHNIQTHRDSLDLLDKARAKKA
;
B
#
loop_
_chem_comp.id
_chem_comp.type
_chem_comp.name
_chem_comp.formula
1QK non-polymer 3-[({3-ethyl-5-[(2S)-2-(2-hydroxyethyl)piperidin-1-yl]pyrazolo[1,5-a]pyrimidin-7-yl}amino)methyl]-1-hydroxypyridinium 'C21 H29 N6 O2 1'
GOL non-polymer GLYCEROL 'C3 H8 O3'
#
# COMPACT_ATOMS: atom_id res chain seq x y z
N SER A 1 -20.10 -11.49 21.09
CA SER A 1 -19.65 -11.93 19.76
C SER A 1 -18.46 -12.92 19.80
N MET A 2 -17.65 -12.86 20.89
CA MET A 2 -16.48 -13.72 21.12
C MET A 2 -16.81 -14.82 22.12
N GLU A 3 -18.07 -15.28 22.11
CA GLU A 3 -18.62 -16.30 23.00
C GLU A 3 -17.97 -17.71 22.87
N ASN A 4 -17.35 -18.02 21.72
CA ASN A 4 -16.70 -19.34 21.52
C ASN A 4 -15.17 -19.34 21.80
N PHE A 5 -14.61 -18.16 22.13
CA PHE A 5 -13.18 -18.02 22.40
C PHE A 5 -12.87 -17.85 23.89
N GLN A 6 -11.83 -18.53 24.32
CA GLN A 6 -11.40 -18.38 25.70
C GLN A 6 -9.97 -17.85 25.71
N LYS A 7 -9.81 -16.60 26.21
CA LYS A 7 -8.49 -15.96 26.33
C LYS A 7 -7.69 -16.84 27.28
N VAL A 8 -6.45 -17.18 26.90
CA VAL A 8 -5.57 -18.11 27.59
C VAL A 8 -4.33 -17.41 28.19
N GLU A 9 -3.74 -16.48 27.42
CA GLU A 9 -2.50 -15.77 27.76
C GLU A 9 -2.43 -14.48 26.96
N LYS A 10 -1.80 -13.43 27.52
CA LYS A 10 -1.55 -12.18 26.80
C LYS A 10 -0.17 -12.38 26.13
N ILE A 11 -0.14 -12.24 24.79
CA ILE A 11 1.05 -12.41 23.95
C ILE A 11 1.93 -11.14 23.89
N GLY A 12 1.31 -9.96 23.83
CA GLY A 12 2.01 -8.68 23.74
C GLY A 12 1.14 -7.57 23.18
N GLU A 13 1.78 -6.49 22.67
CA GLU A 13 1.04 -5.35 22.10
C GLU A 13 1.15 -5.24 20.58
N GLY A 14 2.34 -5.00 20.05
CA GLY A 14 2.49 -4.78 18.61
C GLY A 14 2.00 -3.42 18.14
N THR A 15 2.20 -3.12 16.86
CA THR A 15 1.84 -1.85 16.19
C THR A 15 0.57 -1.16 16.79
N TYR A 16 -0.48 -1.94 17.03
CA TYR A 16 -1.72 -1.48 17.58
C TYR A 16 -2.44 -2.67 18.21
N GLY A 17 -3.33 -2.37 19.15
CA GLY A 17 -4.09 -3.36 19.89
C GLY A 17 -3.27 -4.16 20.86
N VAL A 18 -3.86 -5.27 21.34
CA VAL A 18 -3.23 -6.21 22.28
C VAL A 18 -3.45 -7.59 21.73
N VAL A 19 -2.41 -8.41 21.68
CA VAL A 19 -2.51 -9.80 21.21
C VAL A 19 -2.67 -10.79 22.39
N TYR A 20 -3.73 -11.61 22.33
CA TYR A 20 -4.00 -12.67 23.30
C TYR A 20 -4.04 -14.02 22.57
N LYS A 21 -3.50 -15.07 23.20
CA LYS A 21 -3.64 -16.44 22.71
C LYS A 21 -5.01 -16.88 23.25
N ALA A 22 -5.85 -17.37 22.38
CA ALA A 22 -7.19 -17.81 22.74
C ALA A 22 -7.45 -19.21 22.18
N ARG A 23 -8.49 -19.87 22.69
CA ARG A 23 -8.83 -21.24 22.31
C ARG A 23 -10.27 -21.35 21.93
N ASN A 24 -10.53 -22.00 20.79
CA ASN A 24 -11.88 -22.25 20.31
C ASN A 24 -12.39 -23.39 21.16
N LYS A 25 -13.34 -23.03 22.07
CA LYS A 25 -13.99 -23.90 23.06
C LYS A 25 -14.48 -25.24 22.47
N LEU A 26 -15.18 -25.19 21.31
CA LEU A 26 -15.64 -26.41 20.65
C LEU A 26 -14.57 -27.08 19.78
N THR A 27 -13.98 -26.32 18.84
CA THR A 27 -12.98 -26.79 17.87
C THR A 27 -11.67 -27.34 18.49
N GLY A 28 -11.12 -26.66 19.49
CA GLY A 28 -9.85 -27.04 20.10
C GLY A 28 -8.70 -26.30 19.43
N GLU A 29 -9.06 -25.59 18.35
CA GLU A 29 -8.28 -24.70 17.49
C GLU A 29 -7.77 -23.52 18.34
N VAL A 30 -6.46 -23.26 18.26
CA VAL A 30 -5.85 -22.14 18.97
C VAL A 30 -5.55 -20.99 18.01
N VAL A 31 -6.02 -19.79 18.36
CA VAL A 31 -5.84 -18.56 17.57
C VAL A 31 -5.07 -17.49 18.34
N ALA A 32 -4.77 -16.39 17.66
CA ALA A 32 -4.19 -15.19 18.26
C ALA A 32 -5.20 -14.11 17.94
N LEU A 33 -5.70 -13.44 18.98
CA LEU A 33 -6.67 -12.36 18.86
C LEU A 33 -5.97 -11.03 19.05
N LYS A 34 -6.20 -10.09 18.13
CA LYS A 34 -5.71 -8.72 18.24
C LYS A 34 -6.94 -7.92 18.56
N LYS A 35 -7.03 -7.43 19.79
CA LYS A 35 -8.20 -6.70 20.27
C LYS A 35 -7.95 -5.20 20.20
N ILE A 36 -8.91 -4.46 19.63
CA ILE A 36 -8.94 -2.99 19.49
C ILE A 36 -10.14 -2.52 20.30
N ARG A 37 -9.94 -1.51 21.20
CA ARG A 37 -11.01 -0.93 22.03
C ARG A 37 -11.58 0.28 21.31
N LEU A 38 -12.73 0.11 20.66
CA LEU A 38 -13.35 1.18 19.88
C LEU A 38 -13.90 2.32 20.77
N ASP A 39 -14.31 1.97 22.01
CA ASP A 39 -14.83 2.87 23.04
C ASP A 39 -13.87 4.04 23.33
N THR A 40 -12.55 3.78 23.24
CA THR A 40 -11.43 4.71 23.47
C THR A 40 -11.08 5.53 22.22
N GLU A 41 -11.30 4.95 21.02
CA GLU A 41 -10.97 5.51 19.70
C GLU A 41 -11.84 6.70 19.26
N THR A 42 -11.25 7.91 19.21
CA THR A 42 -11.97 9.14 18.80
C THR A 42 -12.26 9.22 17.31
N GLU A 43 -11.40 8.62 16.51
CA GLU A 43 -11.49 8.60 15.05
C GLU A 43 -12.03 7.25 14.56
N GLY A 44 -12.62 6.50 15.48
CA GLY A 44 -13.15 5.18 15.18
C GLY A 44 -12.03 4.20 14.92
N VAL A 45 -12.31 3.21 14.05
CA VAL A 45 -11.36 2.19 13.65
C VAL A 45 -10.03 2.83 13.17
N PRO A 46 -8.91 2.67 13.90
CA PRO A 46 -7.65 3.27 13.41
C PRO A 46 -7.28 2.92 11.98
N SER A 47 -6.54 3.81 11.33
CA SER A 47 -6.05 3.61 9.96
C SER A 47 -5.10 2.40 9.91
N THR A 48 -4.41 2.16 11.02
CA THR A 48 -3.49 1.05 11.15
C THR A 48 -4.26 -0.29 11.06
N ALA A 49 -5.46 -0.36 11.66
CA ALA A 49 -6.34 -1.54 11.69
C ALA A 49 -6.95 -1.79 10.33
N ILE A 50 -7.58 -0.73 9.74
CA ILE A 50 -8.20 -0.71 8.41
C ILE A 50 -7.17 -1.19 7.37
N ARG A 51 -5.90 -0.71 7.44
CA ARG A 51 -4.84 -1.16 6.52
C ARG A 51 -4.50 -2.65 6.72
N GLU A 52 -4.13 -3.09 7.98
CA GLU A 52 -3.81 -4.49 8.26
C GLU A 52 -4.87 -5.44 7.72
N ILE A 53 -6.18 -5.20 8.04
CA ILE A 53 -7.32 -6.05 7.60
C ILE A 53 -7.42 -6.14 6.05
N SER A 54 -7.57 -4.98 5.35
CA SER A 54 -7.71 -4.95 3.87
C SER A 54 -6.47 -5.47 3.15
N LEU A 55 -5.26 -5.24 3.66
CA LEU A 55 -4.05 -5.72 3.01
C LEU A 55 -3.91 -7.21 3.16
N LEU A 56 -4.12 -7.75 4.36
CA LEU A 56 -3.96 -9.19 4.59
C LEU A 56 -5.08 -10.03 3.99
N LYS A 57 -6.32 -9.49 3.82
CA LYS A 57 -7.44 -10.18 3.16
C LYS A 57 -7.20 -10.33 1.66
N GLU A 58 -5.99 -10.02 1.16
CA GLU A 58 -5.60 -10.04 -0.24
C GLU A 58 -4.20 -10.63 -0.38
N LEU A 59 -3.60 -11.00 0.75
CA LEU A 59 -2.24 -11.55 0.82
C LEU A 59 -2.22 -12.97 1.38
N ASN A 60 -2.50 -13.96 0.51
CA ASN A 60 -2.47 -15.38 0.88
C ASN A 60 -1.22 -16.03 0.34
N HIS A 61 -0.30 -16.34 1.25
CA HIS A 61 0.98 -16.96 0.93
C HIS A 61 1.37 -17.77 2.16
N PRO A 62 2.05 -18.92 2.02
CA PRO A 62 2.45 -19.68 3.22
C PRO A 62 3.42 -18.96 4.17
N ASN A 63 4.16 -17.92 3.68
CA ASN A 63 5.12 -17.23 4.54
C ASN A 63 4.64 -15.88 5.07
N ILE A 64 3.29 -15.68 5.06
CA ILE A 64 2.60 -14.50 5.56
C ILE A 64 1.51 -15.04 6.49
N VAL A 65 1.31 -14.41 7.69
CA VAL A 65 0.28 -14.82 8.65
C VAL A 65 -1.08 -14.83 8.04
N LYS A 66 -1.90 -15.77 8.49
CA LYS A 66 -3.24 -15.90 7.99
C LYS A 66 -4.23 -15.16 8.90
N LEU A 67 -4.96 -14.19 8.33
CA LEU A 67 -6.03 -13.53 9.06
C LEU A 67 -7.20 -14.50 8.90
N LEU A 68 -7.73 -15.01 10.00
CA LEU A 68 -8.82 -15.98 9.92
C LEU A 68 -10.21 -15.34 9.81
N ASP A 69 -10.49 -14.24 10.54
CA ASP A 69 -11.80 -13.55 10.56
C ASP A 69 -11.67 -12.21 11.34
N VAL A 70 -12.67 -11.32 11.25
CA VAL A 70 -12.77 -10.04 11.94
C VAL A 70 -14.12 -10.03 12.63
N ILE A 71 -14.15 -9.88 13.96
CA ILE A 71 -15.38 -9.86 14.76
C ILE A 71 -15.48 -8.55 15.52
N HIS A 72 -16.68 -7.92 15.43
CA HIS A 72 -17.06 -6.68 16.09
C HIS A 72 -18.08 -6.94 17.22
N THR A 73 -17.75 -6.57 18.47
CA THR A 73 -18.62 -6.76 19.64
C THR A 73 -19.12 -5.39 20.23
N GLU A 74 -19.71 -4.55 19.35
CA GLU A 74 -20.33 -3.23 19.62
C GLU A 74 -19.63 -2.38 20.72
N ASN A 75 -18.29 -2.51 20.81
CA ASN A 75 -17.36 -1.80 21.72
C ASN A 75 -15.94 -2.12 21.29
N LYS A 76 -15.74 -3.34 20.72
CA LYS A 76 -14.44 -3.85 20.36
C LYS A 76 -14.37 -4.50 18.98
N LEU A 77 -13.21 -4.39 18.34
CA LEU A 77 -12.96 -5.06 17.08
C LEU A 77 -11.80 -6.00 17.31
N TYR A 78 -12.04 -7.29 17.04
CA TYR A 78 -11.07 -8.37 17.21
C TYR A 78 -10.66 -8.88 15.84
N LEU A 79 -9.34 -9.13 15.66
CA LEU A 79 -8.80 -9.69 14.43
C LEU A 79 -8.37 -11.03 14.89
N VAL A 80 -8.88 -12.06 14.26
CA VAL A 80 -8.59 -13.43 14.65
C VAL A 80 -7.55 -13.96 13.66
N PHE A 81 -6.35 -14.28 14.13
CA PHE A 81 -5.26 -14.76 13.27
C PHE A 81 -4.90 -16.20 13.63
N GLU A 82 -4.08 -16.86 12.78
CA GLU A 82 -3.52 -18.17 13.07
C GLU A 82 -2.52 -17.96 14.25
N PHE A 83 -2.44 -18.90 15.20
CA PHE A 83 -1.50 -18.74 16.30
C PHE A 83 -0.18 -19.40 15.93
N LEU A 84 0.94 -18.73 16.23
CA LEU A 84 2.29 -19.25 15.96
C LEU A 84 3.02 -19.35 17.28
N HIS A 85 3.64 -20.49 17.55
CA HIS A 85 4.15 -20.83 18.87
C HIS A 85 5.30 -19.91 19.40
N GLN A 86 6.09 -19.25 18.52
CA GLN A 86 7.21 -18.40 18.95
C GLN A 86 7.53 -17.24 17.96
N ASP A 87 8.21 -16.16 18.42
CA ASP A 87 8.65 -15.04 17.58
C ASP A 87 10.16 -15.09 17.43
N LEU A 88 10.70 -14.56 16.32
CA LEU A 88 12.13 -14.64 16.03
C LEU A 88 13.00 -13.90 17.06
N LYS A 89 12.47 -12.84 17.73
CA LYS A 89 13.23 -12.12 18.76
C LYS A 89 13.45 -13.05 19.96
N LYS A 90 12.41 -13.76 20.41
CA LYS A 90 12.54 -14.69 21.55
C LYS A 90 13.50 -15.87 21.22
N PHE A 91 13.44 -16.37 19.97
CA PHE A 91 14.24 -17.47 19.46
C PHE A 91 15.72 -17.15 19.39
N MET A 92 16.09 -15.97 18.83
CA MET A 92 17.48 -15.51 18.73
C MET A 92 18.05 -15.30 20.13
N ASP A 93 17.22 -14.78 21.05
CA ASP A 93 17.60 -14.56 22.44
C ASP A 93 17.90 -15.90 23.10
N ALA A 94 16.97 -16.90 23.00
CA ALA A 94 17.17 -18.25 23.53
C ALA A 94 18.43 -18.92 22.97
N SER A 95 18.78 -18.61 21.69
CA SER A 95 19.92 -19.12 20.94
C SER A 95 21.15 -18.23 21.02
N ALA A 96 21.12 -17.16 21.83
CA ALA A 96 22.26 -16.24 21.91
C ALA A 96 23.59 -16.91 22.28
N LEU A 97 23.55 -17.94 23.13
CA LEU A 97 24.81 -18.56 23.51
C LEU A 97 25.15 -19.70 22.59
N THR A 98 24.13 -20.47 22.20
CA THR A 98 24.24 -21.61 21.31
C THR A 98 24.63 -21.17 19.89
N GLY A 99 23.75 -20.38 19.27
CA GLY A 99 23.88 -19.92 17.89
C GLY A 99 22.85 -20.65 17.08
N ILE A 100 22.26 -19.99 16.09
CA ILE A 100 21.29 -20.65 15.22
C ILE A 100 22.11 -21.44 14.18
N PRO A 101 21.80 -22.72 13.94
CA PRO A 101 22.55 -23.46 12.90
C PRO A 101 22.45 -22.73 11.54
N LEU A 102 23.57 -22.57 10.80
CA LEU A 102 23.57 -21.92 9.48
C LEU A 102 22.46 -22.46 8.54
N PRO A 103 22.22 -23.80 8.43
CA PRO A 103 21.12 -24.25 7.56
C PRO A 103 19.76 -23.67 7.96
N LEU A 104 19.49 -23.52 9.28
CA LEU A 104 18.23 -22.93 9.73
C LEU A 104 18.14 -21.41 9.39
N ILE A 105 19.29 -20.68 9.41
CA ILE A 105 19.35 -19.28 9.01
C ILE A 105 18.91 -19.21 7.53
N LYS A 106 19.62 -19.95 6.63
CA LYS A 106 19.37 -20.06 5.19
C LYS A 106 17.90 -20.42 4.87
N SER A 107 17.29 -21.33 5.64
CA SER A 107 15.89 -21.72 5.47
C SER A 107 15.00 -20.53 5.77
N TYR A 108 15.16 -19.94 6.98
CA TYR A 108 14.42 -18.77 7.47
C TYR A 108 14.51 -17.59 6.50
N LEU A 109 15.74 -17.19 6.08
CA LEU A 109 15.96 -16.13 5.12
C LEU A 109 15.25 -16.38 3.80
N PHE A 110 15.35 -17.61 3.27
CA PHE A 110 14.73 -17.99 2.01
C PHE A 110 13.20 -17.80 2.08
N GLN A 111 12.57 -18.35 3.12
CA GLN A 111 11.13 -18.25 3.34
C GLN A 111 10.71 -16.81 3.59
N LEU A 112 11.59 -16.01 4.25
CA LEU A 112 11.34 -14.60 4.51
C LEU A 112 11.40 -13.84 3.19
N LEU A 113 12.38 -14.17 2.34
CA LEU A 113 12.52 -13.53 1.01
C LEU A 113 11.38 -13.89 0.05
N GLN A 114 10.64 -15.00 0.32
CA GLN A 114 9.50 -15.46 -0.47
C GLN A 114 8.24 -14.73 -0.10
N GLY A 115 8.02 -14.52 1.20
CA GLY A 115 6.87 -13.76 1.70
C GLY A 115 6.93 -12.33 1.26
N LEU A 116 8.16 -11.77 1.19
CA LEU A 116 8.41 -10.39 0.77
C LEU A 116 8.22 -10.19 -0.72
N ALA A 117 8.72 -11.14 -1.54
CA ALA A 117 8.61 -11.14 -3.01
C ALA A 117 7.15 -11.14 -3.41
N PHE A 118 6.32 -11.84 -2.60
CA PHE A 118 4.88 -11.92 -2.78
C PHE A 118 4.23 -10.61 -2.44
N CYS A 119 4.64 -9.95 -1.32
CA CYS A 119 4.13 -8.65 -0.82
C CYS A 119 4.40 -7.62 -1.87
N HIS A 120 5.66 -7.55 -2.30
CA HIS A 120 6.19 -6.60 -3.26
C HIS A 120 5.51 -6.72 -4.60
N SER A 121 5.26 -7.96 -5.09
CA SER A 121 4.52 -8.17 -6.36
C SER A 121 3.04 -7.78 -6.25
N HIS A 122 2.46 -7.89 -5.05
CA HIS A 122 1.09 -7.47 -4.76
C HIS A 122 1.04 -5.98 -4.37
N ARG A 123 2.19 -5.29 -4.53
CA ARG A 123 2.46 -3.88 -4.27
C ARG A 123 2.12 -3.46 -2.84
N VAL A 124 2.78 -4.12 -1.87
CA VAL A 124 2.65 -3.90 -0.43
C VAL A 124 4.03 -3.77 0.16
N LEU A 125 4.24 -2.70 0.92
CA LEU A 125 5.47 -2.38 1.64
C LEU A 125 5.21 -2.78 3.07
N HIS A 126 6.08 -3.61 3.69
CA HIS A 126 5.80 -4.01 5.09
C HIS A 126 6.10 -2.86 6.08
N ARG A 127 7.22 -2.18 5.89
CA ARG A 127 7.67 -1.02 6.66
C ARG A 127 7.85 -1.27 8.18
N ASP A 128 7.91 -2.53 8.62
CA ASP A 128 8.17 -2.83 10.04
C ASP A 128 8.69 -4.27 10.20
N LEU A 129 9.73 -4.58 9.43
CA LEU A 129 10.38 -5.88 9.49
C LEU A 129 11.45 -5.87 10.57
N LYS A 130 11.06 -6.39 11.73
CA LYS A 130 11.87 -6.54 12.93
C LYS A 130 11.63 -7.98 13.44
N PRO A 131 12.60 -8.58 14.16
CA PRO A 131 12.43 -9.97 14.65
C PRO A 131 11.17 -10.25 15.47
N GLN A 132 10.70 -9.28 16.28
CA GLN A 132 9.44 -9.43 17.04
C GLN A 132 8.19 -9.62 16.11
N ASN A 133 8.29 -9.25 14.80
CA ASN A 133 7.21 -9.38 13.83
C ASN A 133 7.37 -10.61 12.93
N LEU A 134 8.46 -11.35 13.08
CA LEU A 134 8.70 -12.58 12.30
C LEU A 134 8.40 -13.78 13.21
N LEU A 135 7.27 -14.45 12.96
CA LEU A 135 6.76 -15.57 13.74
C LEU A 135 7.07 -16.96 13.17
N ILE A 136 7.69 -17.83 14.02
CA ILE A 136 8.09 -19.20 13.70
C ILE A 136 7.13 -20.25 14.28
N ASN A 137 7.09 -21.44 13.66
CA ASN A 137 6.34 -22.59 14.18
C ASN A 137 7.29 -23.75 14.54
N THR A 138 6.75 -24.88 15.06
CA THR A 138 7.54 -26.06 15.46
C THR A 138 8.07 -26.86 14.27
N GLU A 139 7.37 -26.78 13.13
CA GLU A 139 7.68 -27.46 11.86
C GLU A 139 8.81 -26.87 11.00
N GLY A 140 9.36 -25.71 11.37
CA GLY A 140 10.42 -25.09 10.58
C GLY A 140 9.99 -23.94 9.68
N ALA A 141 8.76 -23.44 9.86
CA ALA A 141 8.26 -22.30 9.10
C ALA A 141 8.44 -20.97 9.86
N ILE A 142 8.69 -19.90 9.08
CA ILE A 142 8.76 -18.50 9.52
C ILE A 142 7.76 -17.70 8.65
N LYS A 143 7.01 -16.78 9.26
CA LYS A 143 5.98 -15.97 8.60
C LYS A 143 6.07 -14.47 8.94
N LEU A 144 5.78 -13.58 7.96
CA LEU A 144 5.70 -12.12 8.15
C LEU A 144 4.40 -11.81 8.91
N ALA A 145 4.52 -11.09 10.04
CA ALA A 145 3.36 -10.68 10.83
C ALA A 145 3.36 -9.17 11.02
N ASP A 146 2.30 -8.64 11.65
CA ASP A 146 2.02 -7.24 11.95
C ASP A 146 2.18 -6.31 10.72
N PHE A 147 1.07 -6.18 9.97
CA PHE A 147 0.99 -5.34 8.76
C PHE A 147 0.33 -3.97 9.10
N GLY A 148 0.38 -3.61 10.38
CA GLY A 148 -0.15 -2.36 10.93
C GLY A 148 0.52 -1.13 10.40
N LEU A 149 1.82 -1.21 10.13
CA LEU A 149 2.61 -0.10 9.55
C LEU A 149 2.82 -0.23 8.02
N ALA A 150 2.22 -1.25 7.41
CA ALA A 150 2.34 -1.51 5.98
C ALA A 150 1.44 -0.58 5.19
N ARG A 151 1.78 -0.43 3.91
CA ARG A 151 1.02 0.39 2.98
C ARG A 151 1.18 -0.20 1.58
N ALA A 152 0.10 -0.08 0.80
CA ALA A 152 0.07 -0.49 -0.59
C ALA A 152 0.72 0.66 -1.38
N PHE A 153 1.59 0.35 -2.36
CA PHE A 153 2.23 1.41 -3.13
C PHE A 153 1.68 1.56 -4.52
N GLY A 154 1.85 2.75 -5.07
CA GLY A 154 1.45 3.02 -6.44
C GLY A 154 2.58 2.75 -7.39
N VAL A 155 2.28 2.69 -8.69
CA VAL A 155 3.25 2.52 -9.79
C VAL A 155 2.97 3.74 -10.71
N PRO A 156 3.63 4.92 -10.55
CA PRO A 156 4.73 5.23 -9.63
C PRO A 156 4.29 5.54 -8.20
N VAL A 157 5.26 5.46 -7.30
CA VAL A 157 5.14 5.74 -5.89
C VAL A 157 4.99 7.28 -5.75
N ARG A 158 4.61 7.74 -4.55
CA ARG A 158 4.55 9.17 -4.20
C ARG A 158 5.09 9.32 -2.76
N THR A 159 5.13 10.54 -2.19
CA THR A 159 5.67 10.71 -0.85
C THR A 159 4.82 9.99 0.19
N TYR A 160 5.45 9.17 1.03
CA TYR A 160 4.74 8.43 2.07
C TYR A 160 5.24 8.90 3.45
N TPO A 161 4.62 8.42 4.56
CA TPO A 161 4.98 8.75 5.94
CB TPO A 161 4.18 7.80 6.90
CG2 TPO A 161 4.41 8.03 8.36
OG1 TPO A 161 2.75 7.96 6.73
P TPO A 161 2.00 6.73 6.07
O1P TPO A 161 2.72 6.36 4.80
O2P TPO A 161 0.58 7.11 5.61
O3P TPO A 161 1.90 5.56 7.06
C TPO A 161 6.50 8.57 6.16
O TPO A 161 7.04 7.55 5.77
N HIS A 162 7.17 9.57 6.78
CA HIS A 162 8.61 9.53 7.07
C HIS A 162 8.95 8.64 8.28
N GLU A 163 8.24 8.85 9.40
CA GLU A 163 8.33 8.16 10.69
C GLU A 163 7.79 6.72 10.47
N VAL A 164 8.56 5.89 9.74
CA VAL A 164 8.04 4.64 9.24
C VAL A 164 8.73 3.30 9.68
N VAL A 165 10.07 3.15 9.79
CA VAL A 165 10.57 1.82 10.20
C VAL A 165 11.25 1.86 11.57
N THR A 166 11.24 0.73 12.32
CA THR A 166 11.95 0.59 13.62
C THR A 166 13.41 1.01 13.40
N LEU A 167 13.86 1.96 14.22
CA LEU A 167 15.18 2.59 14.14
C LEU A 167 16.34 1.68 13.74
N TRP A 168 16.51 0.54 14.43
CA TRP A 168 17.64 -0.37 14.16
C TRP A 168 17.61 -1.00 12.79
N TYR A 169 16.42 -1.09 12.19
CA TYR A 169 16.22 -1.73 10.90
C TYR A 169 15.84 -0.74 9.83
N ARG A 170 16.03 0.56 10.11
CA ARG A 170 15.68 1.66 9.19
C ARG A 170 16.72 1.87 8.08
N ALA A 171 16.24 1.98 6.83
CA ALA A 171 17.10 2.16 5.67
C ALA A 171 17.69 3.58 5.61
N PRO A 172 18.97 3.73 5.16
CA PRO A 172 19.58 5.07 5.07
C PRO A 172 18.78 6.11 4.27
N GLU A 173 18.06 5.67 3.23
CA GLU A 173 17.21 6.59 2.45
C GLU A 173 16.05 7.23 3.33
N ILE A 174 15.55 6.49 4.35
CA ILE A 174 14.51 7.03 5.23
C ILE A 174 15.18 8.04 6.16
N LEU A 175 16.29 7.60 6.79
CA LEU A 175 17.13 8.36 7.70
C LEU A 175 17.60 9.70 7.09
N LEU A 176 18.10 9.69 5.83
CA LEU A 176 18.60 10.86 5.11
C LEU A 176 17.50 11.70 4.40
N GLY A 177 16.24 11.43 4.77
CA GLY A 177 15.05 12.14 4.34
C GLY A 177 14.70 12.16 2.89
N CYS A 178 14.83 11.02 2.17
CA CYS A 178 14.43 10.98 0.76
C CYS A 178 12.89 11.11 0.70
N LYS A 179 12.37 11.82 -0.32
CA LYS A 179 10.91 12.02 -0.45
C LYS A 179 10.19 10.74 -0.79
N TYR A 180 10.76 9.96 -1.72
CA TYR A 180 10.21 8.68 -2.15
C TYR A 180 11.00 7.51 -1.57
N TYR A 181 10.31 6.43 -1.25
CA TYR A 181 10.93 5.18 -0.81
C TYR A 181 10.07 4.07 -1.30
N SER A 182 10.61 2.86 -1.37
CA SER A 182 9.82 1.73 -1.88
C SER A 182 10.30 0.40 -1.30
N THR A 183 10.19 -0.67 -2.10
CA THR A 183 10.51 -2.07 -1.80
C THR A 183 11.87 -2.22 -1.15
N ALA A 184 12.89 -1.43 -1.57
CA ALA A 184 14.25 -1.46 -1.03
C ALA A 184 14.33 -1.30 0.49
N VAL A 185 13.36 -0.59 1.12
CA VAL A 185 13.36 -0.36 2.58
C VAL A 185 13.18 -1.69 3.35
N ASP A 186 12.39 -2.62 2.81
CA ASP A 186 12.15 -3.92 3.44
C ASP A 186 13.33 -4.84 3.32
N ILE A 187 14.05 -4.82 2.17
CA ILE A 187 15.26 -5.61 1.92
C ILE A 187 16.37 -5.19 2.89
N TRP A 188 16.47 -3.86 3.20
CA TRP A 188 17.44 -3.36 4.16
C TRP A 188 17.20 -4.04 5.51
N SER A 189 15.94 -4.02 5.98
CA SER A 189 15.51 -4.63 7.23
C SER A 189 15.89 -6.11 7.26
N LEU A 190 15.61 -6.84 6.18
CA LEU A 190 15.95 -8.25 6.05
C LEU A 190 17.46 -8.48 6.07
N GLY A 191 18.23 -7.56 5.48
CA GLY A 191 19.68 -7.62 5.51
C GLY A 191 20.18 -7.59 6.94
N CYS A 192 19.60 -6.71 7.76
CA CYS A 192 19.91 -6.52 9.18
C CYS A 192 19.54 -7.72 10.00
N ILE A 193 18.32 -8.28 9.79
CA ILE A 193 17.83 -9.46 10.52
C ILE A 193 18.71 -10.69 10.18
N PHE A 194 19.22 -10.76 8.93
CA PHE A 194 20.09 -11.83 8.42
C PHE A 194 21.39 -11.86 9.21
N ALA A 195 22.11 -10.73 9.25
CA ALA A 195 23.36 -10.58 10.00
C ALA A 195 23.13 -10.79 11.50
N GLU A 196 21.98 -10.33 12.03
CA GLU A 196 21.65 -10.49 13.44
C GLU A 196 21.42 -11.96 13.78
N MET A 197 20.93 -12.75 12.80
CA MET A 197 20.74 -14.18 12.99
C MET A 197 22.10 -14.86 13.07
N VAL A 198 23.06 -14.39 12.23
CA VAL A 198 24.44 -14.89 12.10
C VAL A 198 25.27 -14.56 13.33
N THR A 199 25.34 -13.26 13.69
CA THR A 199 26.15 -12.72 14.78
C THR A 199 25.49 -12.73 16.15
N ARG A 200 24.15 -12.89 16.21
CA ARG A 200 23.33 -12.93 17.44
C ARG A 200 23.33 -11.55 18.19
N ARG A 201 23.66 -10.49 17.47
CA ARG A 201 23.76 -9.12 17.97
C ARG A 201 23.24 -8.21 16.84
N ALA A 202 22.49 -7.15 17.21
CA ALA A 202 21.95 -6.22 16.22
C ALA A 202 23.09 -5.66 15.37
N LEU A 203 22.87 -5.58 14.04
CA LEU A 203 23.88 -5.08 13.11
C LEU A 203 24.22 -3.61 13.36
N PHE A 204 23.18 -2.78 13.59
CA PHE A 204 23.31 -1.33 13.82
C PHE A 204 22.45 -0.87 15.04
N PRO A 205 22.85 -1.13 16.31
CA PRO A 205 21.95 -0.75 17.43
C PRO A 205 22.06 0.71 17.88
N GLY A 206 21.64 1.64 17.01
CA GLY A 206 21.68 3.07 17.26
C GLY A 206 20.71 3.57 18.30
N ASP A 207 21.07 4.69 18.98
CA ASP A 207 20.21 5.29 20.02
C ASP A 207 19.54 6.59 19.57
N SER A 208 19.77 7.00 18.32
CA SER A 208 19.20 8.20 17.72
C SER A 208 19.26 8.06 16.22
N GLU A 209 18.61 8.98 15.49
CA GLU A 209 18.63 8.96 14.04
C GLU A 209 20.09 9.17 13.56
N ILE A 210 20.81 10.13 14.19
CA ILE A 210 22.20 10.44 13.84
C ILE A 210 23.13 9.27 14.14
N ASP A 211 22.98 8.62 15.33
CA ASP A 211 23.81 7.47 15.73
C ASP A 211 23.59 6.26 14.80
N GLN A 212 22.34 6.09 14.32
CA GLN A 212 21.97 5.03 13.40
C GLN A 212 22.75 5.20 12.12
N LEU A 213 22.76 6.43 11.56
CA LEU A 213 23.51 6.73 10.34
C LEU A 213 24.97 6.48 10.50
N PHE A 214 25.56 6.94 11.63
CA PHE A 214 26.99 6.82 11.94
C PHE A 214 27.41 5.39 12.12
N ARG A 215 26.56 4.57 12.79
CA ARG A 215 26.83 3.15 12.98
C ARG A 215 26.88 2.46 11.64
N ILE A 216 25.96 2.83 10.70
CA ILE A 216 25.90 2.29 9.33
C ILE A 216 27.16 2.72 8.59
N PHE A 217 27.45 4.04 8.62
CA PHE A 217 28.62 4.67 7.99
C PHE A 217 29.94 4.07 8.44
N ARG A 218 30.07 3.71 9.74
CA ARG A 218 31.27 3.09 10.29
C ARG A 218 31.50 1.71 9.70
N THR A 219 30.44 0.93 9.49
CA THR A 219 30.53 -0.43 8.98
C THR A 219 30.64 -0.49 7.45
N LEU A 220 29.64 0.10 6.75
CA LEU A 220 29.54 0.09 5.30
C LEU A 220 30.35 1.18 4.60
N GLY A 221 30.95 2.08 5.37
CA GLY A 221 31.71 3.20 4.83
C GLY A 221 30.78 4.35 4.50
N THR A 222 31.20 5.59 4.80
CA THR A 222 30.44 6.81 4.49
C THR A 222 30.11 6.82 2.98
N PRO A 223 28.85 7.01 2.55
CA PRO A 223 28.56 6.97 1.11
C PRO A 223 28.91 8.26 0.38
N ASP A 224 29.11 8.13 -0.95
CA ASP A 224 29.41 9.22 -1.87
C ASP A 224 28.58 9.10 -3.14
N GLU A 225 28.72 10.08 -4.07
CA GLU A 225 27.94 10.11 -5.30
C GLU A 225 28.27 8.96 -6.25
N VAL A 226 29.45 8.30 -6.11
CA VAL A 226 29.75 7.13 -6.95
C VAL A 226 28.94 5.91 -6.42
N VAL A 227 29.09 5.57 -5.12
CA VAL A 227 28.34 4.46 -4.50
C VAL A 227 26.82 4.73 -4.41
N TRP A 228 26.41 6.01 -4.30
CA TRP A 228 25.01 6.37 -4.20
C TRP A 228 24.71 7.68 -4.97
N PRO A 229 24.38 7.63 -6.28
CA PRO A 229 24.09 8.87 -7.02
C PRO A 229 22.87 9.62 -6.49
N GLY A 230 23.13 10.65 -5.69
CA GLY A 230 22.10 11.48 -5.09
C GLY A 230 22.28 11.85 -3.63
N VAL A 231 23.20 11.17 -2.89
CA VAL A 231 23.44 11.42 -1.47
C VAL A 231 23.60 12.87 -1.08
N THR A 232 24.71 13.50 -1.53
CA THR A 232 25.15 14.86 -1.19
C THR A 232 24.04 15.92 -1.36
N SER A 233 23.07 15.61 -2.25
CA SER A 233 21.94 16.48 -2.54
C SER A 233 20.73 16.27 -1.59
N MET A 234 20.58 15.03 -1.06
CA MET A 234 19.50 14.62 -0.13
C MET A 234 19.36 15.52 1.12
N PRO A 235 18.09 15.74 1.58
CA PRO A 235 17.83 16.66 2.70
C PRO A 235 18.73 16.57 3.93
N ASP A 236 18.67 15.46 4.69
CA ASP A 236 19.42 15.29 5.96
C ASP A 236 20.94 15.01 5.78
N TYR A 237 21.47 15.03 4.51
CA TYR A 237 22.90 14.85 4.26
C TYR A 237 23.65 16.12 4.65
N LYS A 238 24.69 15.95 5.48
CA LYS A 238 25.58 17.01 5.93
C LYS A 238 27.00 16.70 5.41
N PRO A 239 27.70 17.67 4.73
CA PRO A 239 29.06 17.39 4.24
C PRO A 239 30.09 17.20 5.38
N SER A 240 29.71 17.60 6.62
CA SER A 240 30.50 17.47 7.84
C SER A 240 30.54 16.03 8.43
N PHE A 241 29.79 15.05 7.83
CA PHE A 241 29.75 13.66 8.31
C PHE A 241 31.15 13.05 8.28
N PRO A 242 31.59 12.34 9.35
CA PRO A 242 32.95 11.74 9.32
C PRO A 242 33.08 10.74 8.18
N LYS A 243 34.27 10.71 7.57
CA LYS A 243 34.51 9.83 6.44
C LYS A 243 35.12 8.52 6.90
N TRP A 244 34.34 7.42 6.78
CA TRP A 244 34.76 6.09 7.20
C TRP A 244 34.89 5.21 5.99
N ALA A 245 35.61 4.11 6.15
CA ALA A 245 35.86 3.12 5.13
C ALA A 245 35.05 1.89 5.41
N ARG A 246 34.61 1.20 4.34
CA ARG A 246 33.84 -0.03 4.47
C ARG A 246 34.71 -1.12 5.09
N GLN A 247 34.20 -1.76 6.15
CA GLN A 247 34.87 -2.86 6.84
C GLN A 247 34.74 -4.15 6.02
N ASP A 248 35.71 -5.05 6.19
CA ASP A 248 35.70 -6.34 5.52
C ASP A 248 34.56 -7.16 6.15
N PHE A 249 33.70 -7.72 5.30
CA PHE A 249 32.54 -8.53 5.70
C PHE A 249 32.93 -9.83 6.42
N SER A 250 34.22 -10.18 6.39
CA SER A 250 34.82 -11.31 7.09
C SER A 250 34.88 -10.97 8.60
N LYS A 251 35.06 -9.68 8.94
CA LYS A 251 35.09 -9.21 10.32
C LYS A 251 33.66 -8.94 10.81
N VAL A 252 32.83 -8.32 9.95
CA VAL A 252 31.43 -7.94 10.21
C VAL A 252 30.53 -9.16 10.50
N VAL A 253 30.64 -10.23 9.68
CA VAL A 253 29.86 -11.47 9.81
C VAL A 253 30.79 -12.68 9.60
N PRO A 254 31.63 -13.03 10.62
CA PRO A 254 32.63 -14.10 10.43
C PRO A 254 32.08 -15.49 10.10
N PRO A 255 31.00 -16.04 10.73
CA PRO A 255 30.53 -17.40 10.37
C PRO A 255 29.99 -17.57 8.93
N LEU A 256 29.77 -16.46 8.23
CA LEU A 256 29.20 -16.43 6.89
C LEU A 256 30.24 -16.63 5.78
N ASP A 257 29.93 -17.58 4.90
CA ASP A 257 30.72 -17.96 3.73
C ASP A 257 30.65 -16.89 2.63
N GLU A 258 31.54 -17.00 1.60
CA GLU A 258 31.65 -16.09 0.46
C GLU A 258 30.31 -15.82 -0.20
N ASP A 259 29.47 -16.85 -0.33
CA ASP A 259 28.16 -16.71 -0.95
C ASP A 259 27.17 -16.02 -0.02
N GLY A 260 27.36 -16.19 1.29
CA GLY A 260 26.54 -15.56 2.31
C GLY A 260 26.85 -14.08 2.41
N ARG A 261 28.14 -13.74 2.33
CA ARG A 261 28.66 -12.37 2.42
C ARG A 261 28.27 -11.51 1.20
N SER A 262 28.22 -12.13 0.01
CA SER A 262 27.83 -11.50 -1.26
C SER A 262 26.35 -11.04 -1.17
N LEU A 263 25.43 -11.96 -0.80
CA LEU A 263 24.00 -11.68 -0.64
C LEU A 263 23.78 -10.58 0.36
N LEU A 264 24.39 -10.69 1.56
CA LEU A 264 24.28 -9.65 2.58
C LEU A 264 24.73 -8.30 2.02
N SER A 265 25.85 -8.27 1.29
CA SER A 265 26.37 -7.02 0.73
C SER A 265 25.36 -6.32 -0.21
N GLN A 266 24.76 -7.06 -1.16
CA GLN A 266 23.78 -6.57 -2.13
C GLN A 266 22.45 -6.16 -1.46
N MET A 267 22.12 -6.79 -0.31
CA MET A 267 20.93 -6.53 0.52
C MET A 267 21.09 -5.22 1.28
N LEU A 268 22.35 -4.79 1.50
CA LEU A 268 22.71 -3.60 2.26
C LEU A 268 23.35 -2.51 1.41
N HIS A 269 23.14 -2.57 0.09
CA HIS A 269 23.63 -1.56 -0.83
C HIS A 269 23.00 -0.21 -0.45
N TYR A 270 23.78 0.89 -0.45
CA TYR A 270 23.25 2.22 -0.08
C TYR A 270 22.20 2.69 -1.07
N ASP A 271 22.42 2.46 -2.36
CA ASP A 271 21.52 2.86 -3.43
C ASP A 271 20.32 1.94 -3.51
N PRO A 272 19.12 2.52 -3.20
CA PRO A 272 17.87 1.74 -3.29
C PRO A 272 17.63 1.12 -4.66
N ASN A 273 18.09 1.83 -5.73
CA ASN A 273 17.93 1.40 -7.10
C ASN A 273 18.86 0.26 -7.46
N LYS A 274 19.96 0.10 -6.70
CA LYS A 274 20.90 -1.00 -6.93
C LYS A 274 20.73 -2.15 -5.92
N ARG A 275 20.05 -1.90 -4.80
CA ARG A 275 19.87 -2.90 -3.74
C ARG A 275 19.13 -4.07 -4.29
N ILE A 276 19.59 -5.30 -3.97
CA ILE A 276 18.96 -6.55 -4.46
C ILE A 276 17.46 -6.54 -4.19
N SER A 277 16.72 -7.33 -4.94
CA SER A 277 15.27 -7.43 -4.76
C SER A 277 14.97 -8.75 -4.09
N ALA A 278 13.76 -8.91 -3.54
CA ALA A 278 13.40 -10.18 -2.92
C ALA A 278 13.50 -11.35 -3.94
N LYS A 279 12.86 -11.19 -5.13
CA LYS A 279 12.87 -12.16 -6.22
C LYS A 279 14.29 -12.51 -6.70
N ALA A 280 15.15 -11.47 -6.96
CA ALA A 280 16.55 -11.62 -7.37
C ALA A 280 17.32 -12.40 -6.31
N ALA A 281 17.22 -12.00 -5.03
CA ALA A 281 17.84 -12.65 -3.88
C ALA A 281 17.51 -14.13 -3.81
N LEU A 282 16.32 -14.54 -4.29
CA LEU A 282 15.93 -15.96 -4.33
C LEU A 282 16.86 -16.76 -5.30
N ALA A 283 17.29 -16.10 -6.41
CA ALA A 283 18.19 -16.64 -7.44
C ALA A 283 19.72 -16.53 -7.12
N HIS A 284 20.07 -16.10 -5.91
CA HIS A 284 21.47 -15.97 -5.50
C HIS A 284 22.08 -17.33 -5.17
N PRO A 285 23.37 -17.57 -5.54
CA PRO A 285 24.04 -18.85 -5.22
C PRO A 285 23.97 -19.33 -3.78
N PHE A 286 23.75 -18.41 -2.80
CA PHE A 286 23.62 -18.74 -1.38
C PHE A 286 22.47 -19.71 -1.12
N PHE A 287 21.43 -19.74 -1.99
CA PHE A 287 20.28 -20.64 -1.89
C PHE A 287 20.24 -21.71 -2.98
N GLN A 288 21.24 -21.72 -3.92
CA GLN A 288 21.33 -22.64 -5.09
C GLN A 288 21.23 -24.14 -4.74
N ASP A 289 21.30 -24.46 -3.44
CA ASP A 289 21.15 -25.81 -2.89
C ASP A 289 19.67 -26.00 -2.54
N VAL A 290 19.13 -25.15 -1.64
CA VAL A 290 17.73 -25.14 -1.16
C VAL A 290 16.68 -24.89 -2.29
N THR A 291 17.11 -24.32 -3.43
CA THR A 291 16.20 -24.06 -4.56
C THR A 291 16.82 -24.47 -5.92
N LYS A 292 15.98 -25.05 -6.79
CA LYS A 292 16.40 -25.40 -8.15
C LYS A 292 15.56 -24.57 -9.10
N PRO A 293 16.19 -23.88 -10.07
CA PRO A 293 15.42 -22.98 -10.96
C PRO A 293 14.36 -23.66 -11.83
N VAL A 294 13.50 -22.82 -12.43
CA VAL A 294 12.39 -23.26 -13.27
C VAL A 294 12.56 -22.72 -14.72
N PRO A 295 12.15 -23.47 -15.77
CA PRO A 295 12.30 -22.98 -17.14
C PRO A 295 11.65 -21.62 -17.39
N HIS A 296 12.31 -20.79 -18.20
CA HIS A 296 11.86 -19.45 -18.52
C HIS A 296 11.38 -19.38 -19.96
N LEU A 297 10.15 -18.92 -20.14
CA LEU A 297 9.56 -18.76 -21.47
C LEU A 297 9.90 -17.37 -22.06
N ARG A 298 9.86 -17.28 -23.42
CA ARG A 298 10.09 -16.13 -24.29
C ARG A 298 11.53 -15.68 -24.23
N SER B 32 0.40 -6.35 -21.36
CA SER B 32 1.56 -6.19 -20.51
C SER B 32 2.39 -4.93 -20.92
N PRO B 33 2.02 -3.75 -20.38
CA PRO B 33 2.71 -2.51 -20.77
C PRO B 33 3.86 -2.08 -19.86
N LEU B 34 3.96 -2.66 -18.65
CA LEU B 34 5.01 -2.34 -17.68
C LEU B 34 6.37 -2.77 -18.22
N PRO B 35 7.46 -2.00 -18.01
CA PRO B 35 8.77 -2.44 -18.51
C PRO B 35 9.31 -3.58 -17.65
N VAL B 36 10.56 -4.00 -17.87
CA VAL B 36 11.16 -5.04 -17.03
C VAL B 36 11.33 -4.50 -15.59
N LEU B 37 10.83 -5.28 -14.61
CA LEU B 37 10.79 -4.96 -13.19
C LEU B 37 11.89 -5.63 -12.36
N SER B 38 12.50 -4.86 -11.44
CA SER B 38 13.55 -5.36 -10.54
C SER B 38 12.99 -6.26 -9.42
N TRP B 39 12.01 -5.73 -8.63
CA TRP B 39 11.40 -6.37 -7.45
C TRP B 39 10.54 -7.61 -7.72
N ALA B 40 10.00 -7.75 -8.96
CA ALA B 40 9.16 -8.88 -9.36
C ALA B 40 9.05 -9.05 -10.89
N ASN B 41 8.28 -10.07 -11.34
CA ASN B 41 8.03 -10.34 -12.75
C ASN B 41 6.98 -9.31 -13.21
N ARG B 42 7.35 -8.44 -14.18
CA ARG B 42 6.47 -7.40 -14.72
C ARG B 42 5.13 -7.96 -15.23
N GLU B 43 5.13 -9.23 -15.68
CA GLU B 43 3.96 -9.93 -16.17
C GLU B 43 3.09 -10.33 -14.95
N GLU B 44 3.75 -10.85 -13.88
CA GLU B 44 3.16 -11.28 -12.61
C GLU B 44 2.47 -10.06 -11.97
N VAL B 45 3.22 -8.94 -11.78
CA VAL B 45 2.72 -7.68 -11.22
C VAL B 45 1.44 -7.19 -11.94
N TRP B 46 1.52 -7.08 -13.29
CA TRP B 46 0.43 -6.65 -14.17
C TRP B 46 -0.76 -7.61 -14.12
N LYS B 47 -0.51 -8.96 -14.07
CA LYS B 47 -1.61 -9.93 -14.00
C LYS B 47 -2.30 -9.90 -12.63
N ILE B 48 -1.57 -9.65 -11.51
CA ILE B 48 -2.17 -9.52 -10.14
C ILE B 48 -3.05 -8.27 -10.17
N MET B 49 -2.54 -7.19 -10.82
CA MET B 49 -3.28 -5.94 -10.99
C MET B 49 -4.56 -6.21 -11.76
N LEU B 50 -4.46 -6.92 -12.90
CA LEU B 50 -5.62 -7.26 -13.73
C LEU B 50 -6.63 -8.14 -12.97
N ASN B 51 -6.15 -9.26 -12.41
CA ASN B 51 -6.97 -10.22 -11.65
C ASN B 51 -7.71 -9.62 -10.47
N LYS B 52 -7.25 -8.45 -10.00
CA LYS B 52 -7.86 -7.72 -8.89
C LYS B 52 -9.17 -7.07 -9.34
N GLU B 53 -9.24 -6.58 -10.60
CA GLU B 53 -10.49 -5.97 -11.12
C GLU B 53 -11.61 -7.02 -11.25
N LYS B 54 -11.22 -8.31 -11.35
CA LYS B 54 -12.11 -9.47 -11.44
C LYS B 54 -12.64 -9.84 -10.05
N THR B 55 -11.88 -9.52 -8.99
CA THR B 55 -12.27 -9.76 -7.59
C THR B 55 -12.98 -8.54 -6.95
N TYR B 56 -12.97 -7.39 -7.65
CA TYR B 56 -13.61 -6.15 -7.20
C TYR B 56 -14.72 -5.83 -8.19
N LEU B 57 -15.93 -6.32 -7.90
CA LEU B 57 -17.10 -6.15 -8.76
C LEU B 57 -17.86 -4.89 -8.46
N ARG B 58 -18.28 -4.21 -9.53
CA ARG B 58 -19.11 -3.00 -9.48
C ARG B 58 -20.18 -3.08 -10.63
N ASP B 59 -21.44 -2.75 -10.30
CA ASP B 59 -22.58 -2.84 -11.20
C ASP B 59 -23.27 -1.51 -11.46
N GLN B 60 -23.45 -1.20 -12.77
CA GLN B 60 -24.09 0.02 -13.29
C GLN B 60 -25.61 0.13 -12.98
N HIS B 61 -26.26 -1.02 -12.63
CA HIS B 61 -27.68 -1.13 -12.28
C HIS B 61 -27.86 -1.37 -10.75
N PHE B 62 -27.13 -0.59 -9.91
CA PHE B 62 -27.25 -0.77 -8.46
C PHE B 62 -28.48 -0.03 -7.93
N LEU B 63 -28.87 1.11 -8.55
CA LEU B 63 -30.08 1.85 -8.15
C LEU B 63 -31.36 1.10 -8.64
N GLU B 64 -31.15 -0.05 -9.33
CA GLU B 64 -32.17 -0.99 -9.80
C GLU B 64 -32.43 -2.00 -8.65
N GLN B 65 -31.92 -1.65 -7.43
CA GLN B 65 -32.08 -2.35 -6.14
C GLN B 65 -32.75 -1.38 -5.16
N HIS B 66 -32.52 -0.07 -5.36
CA HIS B 66 -33.00 1.05 -4.55
C HIS B 66 -33.98 1.87 -5.40
N PRO B 67 -35.29 1.51 -5.39
CA PRO B 67 -36.24 2.19 -6.27
C PRO B 67 -36.54 3.64 -5.95
N LEU B 68 -36.37 4.06 -4.69
CA LEU B 68 -36.62 5.45 -4.32
C LEU B 68 -35.51 6.38 -4.85
N LEU B 69 -34.35 5.79 -5.21
CA LEU B 69 -33.16 6.52 -5.67
C LEU B 69 -33.07 6.72 -7.19
N GLN B 70 -32.57 7.92 -7.58
CA GLN B 70 -32.37 8.36 -8.97
C GLN B 70 -30.86 8.51 -9.29
N PRO B 71 -30.39 8.16 -10.52
CA PRO B 71 -28.95 8.31 -10.86
C PRO B 71 -28.35 9.71 -10.73
N LYS B 72 -29.15 10.80 -10.77
CA LYS B 72 -28.62 12.15 -10.59
C LYS B 72 -28.27 12.45 -9.15
N MET B 73 -28.78 11.66 -8.17
CA MET B 73 -28.48 11.80 -6.74
C MET B 73 -27.01 11.41 -6.49
N ARG B 74 -26.57 10.29 -7.12
CA ARG B 74 -25.20 9.78 -7.06
C ARG B 74 -24.25 10.82 -7.60
N ALA B 75 -24.60 11.40 -8.77
CA ALA B 75 -23.87 12.47 -9.43
C ALA B 75 -23.65 13.71 -8.52
N ILE B 76 -24.73 14.23 -7.85
CA ILE B 76 -24.64 15.41 -6.94
C ILE B 76 -23.78 15.09 -5.69
N LEU B 77 -23.88 13.85 -5.14
CA LEU B 77 -23.09 13.44 -3.99
C LEU B 77 -21.62 13.33 -4.39
N LEU B 78 -21.36 12.63 -5.52
CA LEU B 78 -20.01 12.45 -6.02
C LEU B 78 -19.38 13.79 -6.26
N ASP B 79 -20.14 14.74 -6.86
CA ASP B 79 -19.71 16.12 -7.06
C ASP B 79 -19.42 16.80 -5.71
N TRP B 80 -20.31 16.63 -4.72
CA TRP B 80 -20.16 17.24 -3.38
C TRP B 80 -18.87 16.76 -2.68
N LEU B 81 -18.56 15.43 -2.76
CA LEU B 81 -17.36 14.83 -2.19
C LEU B 81 -16.08 15.37 -2.83
N MET B 82 -16.09 15.67 -4.17
CA MET B 82 -14.93 16.28 -4.88
C MET B 82 -14.64 17.67 -4.31
N GLU B 83 -15.73 18.41 -4.00
CA GLU B 83 -15.62 19.74 -3.44
C GLU B 83 -15.00 19.70 -2.04
N VAL B 84 -15.50 18.79 -1.15
CA VAL B 84 -14.98 18.66 0.21
C VAL B 84 -13.49 18.25 0.16
N CYS B 85 -13.16 17.33 -0.79
CA CYS B 85 -11.81 16.87 -1.06
C CYS B 85 -10.90 18.05 -1.36
N GLU B 86 -11.31 18.95 -2.30
CA GLU B 86 -10.51 20.13 -2.65
C GLU B 86 -10.34 21.07 -1.47
N VAL B 87 -11.47 21.32 -0.75
CA VAL B 87 -11.53 22.13 0.48
C VAL B 87 -10.49 21.60 1.49
N TYR B 88 -10.45 20.27 1.69
CA TYR B 88 -9.55 19.63 2.64
C TYR B 88 -8.21 19.19 2.06
N LYS B 89 -7.94 19.57 0.77
CA LYS B 89 -6.72 19.29 0.00
C LYS B 89 -6.38 17.77 -0.07
N LEU B 90 -7.42 16.96 -0.16
CA LEU B 90 -7.28 15.52 -0.20
C LEU B 90 -6.86 15.09 -1.58
N HIS B 91 -6.25 13.88 -1.68
CA HIS B 91 -5.75 13.31 -2.91
C HIS B 91 -6.84 12.79 -3.81
N ARG B 92 -6.59 12.76 -5.12
CA ARG B 92 -7.58 12.28 -6.09
C ARG B 92 -7.85 10.80 -5.78
N GLU B 93 -6.85 10.12 -5.18
CA GLU B 93 -6.89 8.72 -4.78
C GLU B 93 -7.91 8.45 -3.70
N THR B 94 -7.94 9.31 -2.66
CA THR B 94 -8.87 9.15 -1.55
C THR B 94 -10.30 9.49 -2.04
N PHE B 95 -10.45 10.42 -3.00
CA PHE B 95 -11.77 10.67 -3.55
C PHE B 95 -12.27 9.42 -4.31
N TYR B 96 -11.40 8.80 -5.14
CA TYR B 96 -11.78 7.60 -5.91
C TYR B 96 -12.01 6.40 -5.02
N LEU B 97 -11.34 6.34 -3.85
CA LEU B 97 -11.56 5.25 -2.88
C LEU B 97 -12.98 5.40 -2.30
N ALA B 98 -13.38 6.64 -1.91
CA ALA B 98 -14.74 6.91 -1.44
C ALA B 98 -15.80 6.54 -2.51
N GLN B 99 -15.59 6.96 -3.78
CA GLN B 99 -16.49 6.62 -4.90
C GLN B 99 -16.63 5.11 -5.02
N ASP B 100 -15.50 4.38 -5.04
CA ASP B 100 -15.53 2.91 -5.15
C ASP B 100 -16.25 2.28 -3.96
N PHE B 101 -15.99 2.80 -2.75
CA PHE B 101 -16.63 2.34 -1.53
C PHE B 101 -18.17 2.56 -1.63
N PHE B 102 -18.62 3.79 -2.01
CA PHE B 102 -20.03 4.15 -2.20
C PHE B 102 -20.73 3.23 -3.19
N ASP B 103 -20.27 3.17 -4.43
CA ASP B 103 -20.89 2.34 -5.46
C ASP B 103 -20.89 0.85 -5.15
N ARG B 104 -19.91 0.39 -4.35
CA ARG B 104 -19.81 -1.02 -3.99
C ARG B 104 -20.67 -1.37 -2.78
N TYR B 105 -20.85 -0.41 -1.87
CA TYR B 105 -21.67 -0.56 -0.66
C TYR B 105 -23.14 -0.59 -1.02
N MET B 106 -23.52 0.20 -2.04
CA MET B 106 -24.89 0.25 -2.54
C MET B 106 -25.31 -1.10 -3.12
N ALA B 107 -24.43 -1.75 -3.87
CA ALA B 107 -24.70 -3.07 -4.46
C ALA B 107 -24.95 -4.15 -3.39
N THR B 108 -24.78 -3.80 -2.08
CA THR B 108 -25.01 -4.69 -0.94
C THR B 108 -26.31 -4.31 -0.24
N GLN B 109 -26.70 -3.03 -0.32
CA GLN B 109 -27.92 -2.51 0.28
C GLN B 109 -29.16 -2.79 -0.61
N GLU B 110 -30.39 -2.76 -0.01
CA GLU B 110 -31.65 -2.98 -0.74
C GLU B 110 -32.42 -1.68 -0.92
N ASN B 111 -32.96 -1.09 0.15
CA ASN B 111 -33.74 0.14 -0.01
C ASN B 111 -33.08 1.28 0.71
N VAL B 112 -32.65 2.30 -0.05
CA VAL B 112 -31.98 3.46 0.53
C VAL B 112 -32.72 4.75 0.17
N VAL B 113 -32.95 5.56 1.19
CA VAL B 113 -33.60 6.86 1.11
C VAL B 113 -32.57 7.93 0.77
N LYS B 114 -33.02 8.97 0.05
CA LYS B 114 -32.28 10.15 -0.36
C LYS B 114 -31.49 10.77 0.82
N THR B 115 -32.08 10.75 2.04
CA THR B 115 -31.47 11.34 3.25
C THR B 115 -30.24 10.58 3.74
N LEU B 116 -30.18 9.26 3.52
CA LEU B 116 -29.05 8.43 3.95
C LEU B 116 -27.72 8.73 3.23
N LEU B 117 -27.81 9.22 1.98
CA LEU B 117 -26.72 9.53 1.03
C LEU B 117 -25.60 10.42 1.59
N GLN B 118 -25.92 11.55 2.26
CA GLN B 118 -24.86 12.43 2.82
C GLN B 118 -24.00 11.63 3.81
N LEU B 119 -24.65 10.78 4.65
CA LEU B 119 -24.00 9.92 5.62
C LEU B 119 -23.11 8.87 4.96
N ILE B 120 -23.65 8.11 4.01
CA ILE B 120 -22.90 7.06 3.30
C ILE B 120 -21.67 7.62 2.53
N GLY B 121 -21.84 8.77 1.90
CA GLY B 121 -20.79 9.44 1.13
C GLY B 121 -19.65 9.89 1.99
N ILE B 122 -19.95 10.70 3.02
CA ILE B 122 -18.91 11.23 3.93
C ILE B 122 -18.24 10.11 4.77
N SER B 123 -18.94 9.01 5.06
CA SER B 123 -18.33 7.92 5.81
C SER B 123 -17.36 7.15 4.90
N SER B 124 -17.75 6.97 3.61
CA SER B 124 -16.91 6.36 2.58
C SER B 124 -15.67 7.24 2.43
N LEU B 125 -15.85 8.57 2.55
CA LEU B 125 -14.71 9.48 2.46
C LEU B 125 -13.85 9.42 3.73
N PHE B 126 -14.50 9.23 4.90
CA PHE B 126 -13.81 9.11 6.18
C PHE B 126 -12.88 7.88 6.20
N ILE B 127 -13.34 6.72 5.66
CA ILE B 127 -12.53 5.49 5.58
C ILE B 127 -11.38 5.70 4.60
N ALA B 128 -11.70 6.27 3.41
CA ALA B 128 -10.75 6.57 2.34
C ALA B 128 -9.61 7.47 2.80
N ALA B 129 -9.92 8.56 3.52
CA ALA B 129 -8.97 9.53 4.04
C ALA B 129 -8.02 8.88 4.99
N LYS B 130 -8.52 8.00 5.87
CA LYS B 130 -7.66 7.32 6.83
C LYS B 130 -6.69 6.32 6.16
N LEU B 131 -7.17 5.62 5.12
CA LEU B 131 -6.36 4.66 4.40
C LEU B 131 -5.22 5.33 3.59
N GLU B 132 -5.55 6.43 2.88
CA GLU B 132 -4.64 7.09 1.96
C GLU B 132 -3.84 8.31 2.49
N GLU B 133 -4.37 9.09 3.42
CA GLU B 133 -3.65 10.28 3.90
C GLU B 133 -2.70 10.00 5.07
N ILE B 134 -1.65 10.85 5.22
CA ILE B 134 -0.69 10.81 6.34
C ILE B 134 -1.35 11.52 7.54
N TYR B 135 -1.94 12.71 7.29
CA TYR B 135 -2.64 13.46 8.32
C TYR B 135 -4.07 13.72 7.84
N PRO B 136 -4.95 12.67 7.91
CA PRO B 136 -6.32 12.85 7.43
C PRO B 136 -7.09 13.89 8.26
N PRO B 137 -8.15 14.49 7.70
CA PRO B 137 -8.95 15.41 8.52
C PRO B 137 -9.60 14.63 9.69
N LYS B 138 -9.75 15.27 10.86
CA LYS B 138 -10.34 14.59 12.01
C LYS B 138 -11.83 14.34 11.81
N LEU B 139 -12.40 13.42 12.63
CA LEU B 139 -13.84 13.07 12.57
C LEU B 139 -14.73 14.31 12.60
N HIS B 140 -14.41 15.30 13.45
CA HIS B 140 -15.19 16.53 13.51
C HIS B 140 -15.15 17.29 12.20
N GLN B 141 -13.96 17.37 11.55
CA GLN B 141 -13.83 18.06 10.26
C GLN B 141 -14.77 17.42 9.23
N PHE B 142 -14.98 16.11 9.29
CA PHE B 142 -15.93 15.42 8.41
C PHE B 142 -17.41 15.68 8.82
N ALA B 143 -17.66 15.94 10.12
CA ALA B 143 -19.00 16.20 10.61
C ALA B 143 -19.39 17.64 10.27
N TYR B 144 -18.47 18.60 10.51
CA TYR B 144 -18.61 20.03 10.26
C TYR B 144 -18.97 20.35 8.82
N VAL B 145 -18.41 19.59 7.88
CA VAL B 145 -18.61 19.75 6.44
C VAL B 145 -19.98 19.17 5.97
N THR B 146 -20.80 18.59 6.89
CA THR B 146 -22.15 18.12 6.55
C THR B 146 -23.20 19.13 7.08
N ASP B 147 -22.71 20.15 7.84
CA ASP B 147 -23.47 21.25 8.46
C ASP B 147 -24.52 20.73 9.49
N GLY B 148 -24.09 19.79 10.33
CA GLY B 148 -24.92 19.22 11.37
C GLY B 148 -25.79 18.04 10.97
N ALA B 149 -26.01 17.83 9.65
CA ALA B 149 -26.83 16.73 9.16
C ALA B 149 -26.28 15.34 9.56
N CYS B 150 -24.97 15.27 9.85
CA CYS B 150 -24.27 14.07 10.27
C CYS B 150 -23.35 14.33 11.47
N SER B 151 -23.50 13.49 12.51
CA SER B 151 -22.69 13.55 13.73
C SER B 151 -21.59 12.51 13.58
N GLY B 152 -20.49 12.73 14.30
CA GLY B 152 -19.32 11.87 14.34
C GLY B 152 -19.64 10.43 14.70
N ASP B 153 -20.70 10.25 15.50
CA ASP B 153 -21.21 8.96 15.99
C ASP B 153 -21.90 8.16 14.89
N GLU B 154 -22.64 8.84 13.99
CA GLU B 154 -23.32 8.19 12.87
C GLU B 154 -22.26 7.81 11.84
N ILE B 155 -21.24 8.69 11.66
CA ILE B 155 -20.12 8.45 10.75
C ILE B 155 -19.37 7.26 11.28
N LEU B 156 -19.09 7.21 12.59
CA LEU B 156 -18.42 6.10 13.27
C LEU B 156 -19.21 4.76 13.21
N THR B 157 -20.55 4.81 13.12
CA THR B 157 -21.39 3.63 13.01
C THR B 157 -21.43 3.19 11.55
N MET B 158 -21.74 4.14 10.64
CA MET B 158 -21.84 3.91 9.19
C MET B 158 -20.57 3.30 8.65
N GLU B 159 -19.40 3.85 9.07
CA GLU B 159 -18.06 3.42 8.70
C GLU B 159 -17.94 1.92 8.92
N LEU B 160 -18.41 1.41 10.08
CA LEU B 160 -18.37 0.00 10.37
C LEU B 160 -19.38 -0.80 9.55
N MET B 161 -20.57 -0.22 9.21
CA MET B 161 -21.57 -0.92 8.36
C MET B 161 -21.00 -1.09 6.96
N ILE B 162 -20.44 0.01 6.36
CA ILE B 162 -19.80 0.05 5.03
C ILE B 162 -18.68 -0.96 4.99
N MET B 163 -17.74 -0.89 5.95
CA MET B 163 -16.59 -1.80 6.02
C MET B 163 -16.97 -3.29 6.17
N LYS B 164 -17.95 -3.59 7.05
CA LYS B 164 -18.47 -4.95 7.30
C LYS B 164 -19.20 -5.49 6.05
N ALA B 165 -19.96 -4.59 5.37
CA ALA B 165 -20.75 -4.89 4.17
C ALA B 165 -19.86 -5.06 2.95
N LEU B 166 -18.72 -4.33 2.89
CA LEU B 166 -17.78 -4.45 1.78
C LEU B 166 -16.92 -5.66 2.02
N LYS B 167 -17.09 -6.29 3.21
CA LYS B 167 -16.38 -7.47 3.69
C LYS B 167 -14.88 -7.18 3.86
N TRP B 168 -14.58 -5.92 4.28
CA TRP B 168 -13.24 -5.37 4.46
C TRP B 168 -12.34 -5.42 3.17
N ARG B 169 -12.96 -5.40 1.97
CA ARG B 169 -12.25 -5.40 0.69
C ARG B 169 -12.09 -3.92 0.28
N LEU B 170 -11.11 -3.26 0.90
CA LEU B 170 -10.92 -1.84 0.76
C LEU B 170 -9.65 -1.45 0.03
N SER B 171 -9.05 -2.40 -0.74
CA SER B 171 -7.83 -2.11 -1.50
C SER B 171 -8.08 -2.20 -3.00
N PRO B 172 -8.99 -1.41 -3.62
CA PRO B 172 -9.18 -1.55 -5.05
C PRO B 172 -8.19 -0.69 -5.87
N LEU B 173 -8.06 -1.02 -7.17
CA LEU B 173 -7.26 -0.24 -8.09
C LEU B 173 -8.24 0.76 -8.67
N THR B 174 -8.27 1.95 -8.08
CA THR B 174 -9.17 3.03 -8.47
C THR B 174 -8.94 3.52 -9.91
N ILE B 175 -9.92 4.28 -10.44
CA ILE B 175 -9.89 4.87 -11.77
C ILE B 175 -8.63 5.74 -11.88
N VAL B 176 -8.39 6.65 -10.92
CA VAL B 176 -7.21 7.52 -10.95
C VAL B 176 -5.91 6.71 -10.73
N SER B 177 -5.98 5.54 -10.06
CA SER B 177 -4.79 4.73 -9.84
C SER B 177 -4.22 4.26 -11.17
N TRP B 178 -5.09 3.89 -12.11
CA TRP B 178 -4.71 3.45 -13.44
C TRP B 178 -4.09 4.58 -14.25
N LEU B 179 -4.64 5.79 -14.20
CA LEU B 179 -4.07 6.91 -14.97
C LEU B 179 -2.64 7.18 -14.50
N ASN B 180 -2.38 6.98 -13.19
CA ASN B 180 -1.05 7.13 -12.62
C ASN B 180 -0.06 6.21 -13.32
N VAL B 181 -0.40 4.89 -13.38
CA VAL B 181 0.38 3.85 -14.07
C VAL B 181 0.65 4.31 -15.52
N TYR B 182 -0.42 4.47 -16.31
CA TYR B 182 -0.42 4.90 -17.71
C TYR B 182 0.50 6.11 -17.96
N MET B 183 0.38 7.14 -17.13
CA MET B 183 1.18 8.37 -17.22
C MET B 183 2.65 8.15 -16.94
N GLN B 184 2.97 7.15 -16.12
CA GLN B 184 4.35 6.85 -15.77
C GLN B 184 5.01 6.13 -16.93
N VAL B 185 4.31 5.14 -17.51
CA VAL B 185 4.78 4.33 -18.65
C VAL B 185 5.01 5.22 -19.89
N ALA B 186 4.29 6.36 -20.00
CA ALA B 186 4.45 7.30 -21.11
C ALA B 186 5.79 8.04 -20.98
N TYR B 187 6.14 8.42 -19.75
CA TYR B 187 7.35 9.14 -19.42
C TYR B 187 8.34 8.23 -18.67
N LEU B 188 8.94 7.34 -19.47
CA LEU B 188 9.93 6.35 -19.06
C LEU B 188 11.02 6.29 -20.13
N ASN B 189 12.29 6.38 -19.68
CA ASN B 189 13.51 6.38 -20.50
C ASN B 189 14.24 5.00 -20.47
N ASP B 190 15.44 4.88 -21.08
CA ASP B 190 16.24 3.63 -21.11
C ASP B 190 16.54 3.08 -19.69
N LEU B 191 16.49 3.97 -18.67
CA LEU B 191 16.63 3.67 -17.24
C LEU B 191 15.19 3.58 -16.74
N HIS B 192 14.55 2.40 -16.98
CA HIS B 192 13.15 2.10 -16.68
C HIS B 192 12.84 2.05 -15.17
N GLU B 193 12.88 3.25 -14.52
CA GLU B 193 12.59 3.52 -13.11
C GLU B 193 11.07 3.72 -12.99
N VAL B 194 10.35 2.61 -12.78
CA VAL B 194 8.89 2.52 -12.75
C VAL B 194 8.24 3.10 -11.49
N LEU B 195 9.01 3.34 -10.42
CA LEU B 195 8.41 3.82 -9.17
C LEU B 195 8.66 5.30 -8.86
N LEU B 196 9.78 5.88 -9.34
CA LEU B 196 10.07 7.30 -9.14
C LEU B 196 9.16 8.10 -10.11
N PRO B 197 8.23 8.97 -9.62
CA PRO B 197 7.31 9.65 -10.56
C PRO B 197 7.97 10.68 -11.47
N GLN B 198 7.82 10.47 -12.80
CA GLN B 198 8.40 11.36 -13.82
C GLN B 198 7.38 11.51 -14.96
N TYR B 199 6.58 12.61 -14.94
CA TYR B 199 5.57 12.94 -15.95
C TYR B 199 4.97 14.37 -15.78
N PRO B 200 4.47 15.07 -16.86
CA PRO B 200 3.87 16.40 -16.68
C PRO B 200 2.51 16.42 -15.98
N GLN B 201 2.45 17.30 -15.01
CA GLN B 201 1.35 17.58 -14.12
C GLN B 201 0.15 18.12 -14.85
N GLN B 202 0.34 19.09 -15.78
CA GLN B 202 -0.77 19.68 -16.55
C GLN B 202 -1.53 18.65 -17.38
N ILE B 203 -0.80 17.76 -18.08
CA ILE B 203 -1.42 16.70 -18.89
C ILE B 203 -2.28 15.75 -18.02
N PHE B 204 -1.76 15.41 -16.81
CA PHE B 204 -2.40 14.55 -15.81
C PHE B 204 -3.78 15.09 -15.40
N ILE B 205 -3.84 16.38 -15.04
CA ILE B 205 -5.02 17.13 -14.61
C ILE B 205 -6.12 17.13 -15.66
N GLN B 206 -5.71 17.34 -16.91
CA GLN B 206 -6.61 17.44 -18.05
C GLN B 206 -7.24 16.10 -18.36
N ILE B 207 -6.50 15.00 -18.15
CA ILE B 207 -7.06 13.65 -18.34
C ILE B 207 -7.99 13.30 -17.16
N ALA B 208 -7.57 13.66 -15.91
CA ALA B 208 -8.29 13.45 -14.66
C ALA B 208 -9.70 14.06 -14.73
N GLU B 209 -9.78 15.36 -15.11
CA GLU B 209 -11.01 16.14 -15.25
C GLU B 209 -12.05 15.42 -16.07
N LEU B 210 -11.63 14.79 -17.19
CA LEU B 210 -12.52 14.00 -18.03
C LEU B 210 -13.05 12.81 -17.24
N LEU B 211 -12.14 12.07 -16.52
CA LEU B 211 -12.54 10.89 -15.73
C LEU B 211 -13.54 11.27 -14.62
N ASP B 212 -13.29 12.42 -13.93
CA ASP B 212 -14.14 13.01 -12.89
C ASP B 212 -15.55 13.28 -13.44
N LEU B 213 -15.62 13.77 -14.69
CA LEU B 213 -16.86 14.07 -15.39
C LEU B 213 -17.63 12.78 -15.76
N CYS B 214 -16.93 11.69 -16.12
CA CYS B 214 -17.57 10.41 -16.48
C CYS B 214 -17.94 9.61 -15.26
N VAL B 215 -17.30 9.91 -14.11
CA VAL B 215 -17.53 9.14 -12.88
C VAL B 215 -18.93 9.49 -12.32
N LEU B 216 -19.40 10.73 -12.60
CA LEU B 216 -20.72 11.27 -12.24
C LEU B 216 -21.90 10.49 -12.87
N ASP B 217 -21.69 9.88 -14.05
CA ASP B 217 -22.73 9.07 -14.66
C ASP B 217 -22.48 7.64 -14.27
N VAL B 218 -23.47 7.04 -13.62
CA VAL B 218 -23.49 5.66 -13.14
C VAL B 218 -23.32 4.59 -14.23
N ASP B 219 -23.14 4.99 -15.51
CA ASP B 219 -22.99 4.02 -16.58
C ASP B 219 -21.54 3.58 -16.78
N CYS B 220 -20.59 4.39 -16.24
CA CYS B 220 -19.15 4.14 -16.29
C CYS B 220 -18.79 2.79 -15.68
N LEU B 221 -19.60 2.31 -14.71
CA LEU B 221 -19.39 1.05 -14.01
C LEU B 221 -19.57 -0.20 -14.92
N GLU B 222 -20.00 0.01 -16.18
CA GLU B 222 -20.09 -1.12 -17.11
C GLU B 222 -18.71 -1.43 -17.71
N PHE B 223 -17.78 -0.46 -17.55
CA PHE B 223 -16.41 -0.48 -18.03
C PHE B 223 -15.42 -0.59 -16.88
N PRO B 224 -14.47 -1.55 -16.98
CA PRO B 224 -13.42 -1.66 -15.95
C PRO B 224 -12.71 -0.34 -15.74
N TYR B 225 -12.23 -0.14 -14.53
CA TYR B 225 -11.51 1.07 -14.15
C TYR B 225 -10.25 1.26 -15.04
N GLY B 226 -9.57 0.15 -15.36
CA GLY B 226 -8.42 0.13 -16.25
C GLY B 226 -8.77 0.61 -17.66
N ILE B 227 -9.96 0.19 -18.16
CA ILE B 227 -10.52 0.52 -19.48
C ILE B 227 -10.92 2.00 -19.52
N LEU B 228 -11.68 2.48 -18.51
CA LEU B 228 -12.10 3.89 -18.40
C LEU B 228 -10.91 4.85 -18.47
N ALA B 229 -9.85 4.58 -17.68
CA ALA B 229 -8.61 5.36 -17.62
C ALA B 229 -7.89 5.36 -18.97
N ALA B 230 -7.76 4.17 -19.61
CA ALA B 230 -7.13 4.02 -20.93
C ALA B 230 -7.88 4.86 -21.96
N SER B 231 -9.21 4.71 -22.02
CA SER B 231 -10.06 5.47 -22.91
C SER B 231 -9.95 6.99 -22.69
N ALA B 232 -9.84 7.47 -21.45
CA ALA B 232 -9.70 8.93 -21.29
C ALA B 232 -8.34 9.40 -21.82
N LEU B 233 -7.28 8.59 -21.56
CA LEU B 233 -5.91 8.82 -22.04
C LEU B 233 -5.93 8.91 -23.58
N TYR B 234 -6.64 7.95 -24.25
CA TYR B 234 -6.82 7.89 -25.69
C TYR B 234 -7.38 9.20 -26.24
N HIS B 235 -8.46 9.72 -25.63
CA HIS B 235 -9.06 10.98 -26.09
C HIS B 235 -8.08 12.14 -26.01
N PHE B 236 -6.98 12.00 -25.27
CA PHE B 236 -5.97 13.07 -25.18
C PHE B 236 -4.71 12.74 -25.98
N SER B 237 -4.55 11.47 -26.36
CA SER B 237 -3.42 11.01 -27.15
C SER B 237 -3.88 10.38 -28.45
N SER B 238 -3.63 9.06 -28.58
CA SER B 238 -3.89 8.20 -29.72
C SER B 238 -4.02 6.75 -29.25
N SER B 239 -4.47 5.88 -30.16
CA SER B 239 -4.62 4.45 -29.94
C SER B 239 -3.26 3.83 -29.63
N GLU B 240 -2.22 4.30 -30.33
CA GLU B 240 -0.85 3.84 -30.23
C GLU B 240 -0.26 4.10 -28.85
N LEU B 241 -0.32 5.36 -28.34
CA LEU B 241 0.19 5.63 -26.98
C LEU B 241 -0.56 4.81 -25.97
N MET B 242 -1.90 4.80 -26.10
CA MET B 242 -2.82 4.07 -25.24
C MET B 242 -2.38 2.62 -25.09
N GLN B 243 -2.14 1.91 -26.20
CA GLN B 243 -1.72 0.51 -26.20
C GLN B 243 -0.36 0.34 -25.53
N LYS B 244 0.58 1.26 -25.80
CA LYS B 244 1.94 1.27 -25.28
C LYS B 244 1.95 1.40 -23.75
N VAL B 245 1.14 2.31 -23.19
CA VAL B 245 1.08 2.57 -21.75
C VAL B 245 0.10 1.65 -20.98
N SER B 246 -0.97 1.19 -21.62
CA SER B 246 -1.96 0.36 -20.94
C SER B 246 -1.96 -1.11 -21.27
N GLY B 247 -1.53 -1.45 -22.48
CA GLY B 247 -1.54 -2.82 -22.96
C GLY B 247 -2.77 -3.19 -23.78
N TYR B 248 -3.96 -2.64 -23.44
CA TYR B 248 -5.21 -2.94 -24.15
C TYR B 248 -5.16 -2.59 -25.64
N GLN B 249 -5.75 -3.47 -26.47
CA GLN B 249 -5.86 -3.31 -27.92
C GLN B 249 -7.00 -2.34 -28.16
N TRP B 250 -7.13 -1.82 -29.38
CA TRP B 250 -8.21 -0.89 -29.63
C TRP B 250 -9.59 -1.53 -29.48
N CYS B 251 -9.71 -2.81 -29.84
CA CYS B 251 -10.97 -3.56 -29.71
C CYS B 251 -11.47 -3.58 -28.26
N ASP B 252 -10.53 -3.77 -27.29
CA ASP B 252 -10.81 -3.76 -25.85
C ASP B 252 -11.43 -2.44 -25.37
N ILE B 253 -11.02 -1.32 -25.98
CA ILE B 253 -11.36 0.07 -25.62
C ILE B 253 -12.52 0.68 -26.44
N GLU B 254 -12.80 0.13 -27.64
CA GLU B 254 -13.77 0.64 -28.62
C GLU B 254 -15.15 1.07 -28.04
N ASN B 255 -15.83 0.20 -27.28
CA ASN B 255 -17.15 0.52 -26.70
C ASN B 255 -17.07 1.61 -25.63
N CYS B 256 -15.97 1.63 -24.85
CA CYS B 256 -15.74 2.65 -23.83
C CYS B 256 -15.45 4.03 -24.44
N VAL B 257 -14.56 4.10 -25.48
CA VAL B 257 -14.26 5.36 -26.18
C VAL B 257 -15.57 5.90 -26.76
N LYS B 258 -16.41 5.00 -27.37
CA LYS B 258 -17.72 5.30 -27.95
C LYS B 258 -18.67 6.00 -26.95
N TRP B 259 -18.71 5.51 -25.69
CA TRP B 259 -19.55 6.03 -24.61
C TRP B 259 -19.03 7.38 -24.06
N MET B 260 -17.70 7.51 -23.94
CA MET B 260 -16.98 8.68 -23.41
C MET B 260 -16.95 9.88 -24.37
N VAL B 261 -17.21 9.60 -25.66
CA VAL B 261 -17.33 10.51 -26.79
C VAL B 261 -18.06 11.85 -26.43
N PRO B 262 -19.29 11.84 -25.82
CA PRO B 262 -19.95 13.12 -25.48
C PRO B 262 -19.17 13.94 -24.45
N PHE B 263 -18.74 13.25 -23.36
CA PHE B 263 -18.03 13.79 -22.22
C PHE B 263 -16.74 14.44 -22.65
N ALA B 264 -16.02 13.78 -23.56
CA ALA B 264 -14.77 14.28 -24.14
C ALA B 264 -15.02 15.62 -24.86
N MET B 265 -16.12 15.70 -25.63
CA MET B 265 -16.47 16.92 -26.36
C MET B 265 -16.94 18.04 -25.47
N VAL B 266 -17.71 17.73 -24.40
CA VAL B 266 -18.15 18.75 -23.43
C VAL B 266 -16.90 19.42 -22.83
N ILE B 267 -15.87 18.60 -22.48
CA ILE B 267 -14.59 19.09 -21.95
C ILE B 267 -13.86 19.89 -23.04
N ARG B 268 -13.68 19.29 -24.24
CA ARG B 268 -12.95 19.95 -25.35
C ARG B 268 -13.57 21.29 -25.76
N GLU B 269 -14.93 21.37 -25.79
CA GLU B 269 -15.72 22.59 -26.08
C GLU B 269 -15.41 23.74 -25.12
N THR B 270 -15.14 23.42 -23.84
CA THR B 270 -14.87 24.33 -22.71
C THR B 270 -13.41 24.79 -22.61
N GLY B 271 -12.48 23.92 -23.01
CA GLY B 271 -11.05 24.20 -22.91
C GLY B 271 -10.51 23.71 -21.58
N SER B 272 -9.43 22.91 -21.66
CA SER B 272 -8.74 22.27 -20.54
C SER B 272 -8.35 23.23 -19.38
N SER B 273 -8.33 22.72 -18.14
CA SER B 273 -8.01 23.52 -16.96
C SER B 273 -6.50 23.61 -16.65
N LYS B 274 -6.16 24.50 -15.72
CA LYS B 274 -4.79 24.77 -15.32
C LYS B 274 -4.43 24.18 -13.97
N LEU B 275 -3.16 23.79 -13.85
CA LEU B 275 -2.58 23.21 -12.66
C LEU B 275 -2.61 24.24 -11.51
N LYS B 276 -3.54 24.01 -10.54
CA LYS B 276 -3.70 24.83 -9.34
C LYS B 276 -2.56 24.57 -8.36
N HIS B 277 -2.25 25.58 -7.54
CA HIS B 277 -1.29 25.51 -6.43
C HIS B 277 -2.16 25.42 -5.18
N PHE B 278 -1.62 24.75 -4.14
CA PHE B 278 -2.32 24.56 -2.88
C PHE B 278 -1.32 24.80 -1.79
N ARG B 279 -1.69 25.68 -0.82
CA ARG B 279 -0.81 26.04 0.28
C ARG B 279 -0.51 24.82 1.17
N GLY B 280 0.78 24.67 1.51
CA GLY B 280 1.25 23.56 2.32
C GLY B 280 1.45 22.28 1.53
N VAL B 281 1.02 22.27 0.25
CA VAL B 281 1.16 21.15 -0.69
C VAL B 281 2.30 21.49 -1.65
N ALA B 282 3.37 20.66 -1.61
CA ALA B 282 4.55 20.75 -2.48
C ALA B 282 4.08 20.61 -3.94
N ASP B 283 4.69 21.39 -4.84
CA ASP B 283 4.27 21.45 -6.24
C ASP B 283 4.50 20.15 -7.01
N GLU B 284 5.51 19.32 -6.59
CA GLU B 284 5.76 17.99 -7.17
C GLU B 284 4.56 17.02 -6.99
N ASP B 285 3.58 17.39 -6.14
CA ASP B 285 2.38 16.63 -5.83
C ASP B 285 1.05 17.41 -6.06
N ALA B 286 1.11 18.67 -6.54
CA ALA B 286 -0.09 19.51 -6.79
C ALA B 286 -1.09 18.87 -7.74
N HIS B 287 -0.58 18.05 -8.68
CA HIS B 287 -1.39 17.32 -9.65
C HIS B 287 -2.23 16.19 -9.00
N ASN B 288 -1.78 15.72 -7.81
CA ASN B 288 -2.41 14.65 -7.05
C ASN B 288 -3.52 15.12 -6.08
N ILE B 289 -3.74 16.45 -6.00
CA ILE B 289 -4.77 17.05 -5.15
C ILE B 289 -6.07 17.13 -5.94
N GLN B 290 -7.16 16.63 -5.34
CA GLN B 290 -8.48 16.62 -5.94
C GLN B 290 -8.98 18.06 -6.03
N THR B 291 -9.63 18.35 -7.18
CA THR B 291 -10.17 19.66 -7.58
C THR B 291 -11.65 19.55 -7.92
N HIS B 292 -12.32 20.71 -8.02
CA HIS B 292 -13.76 20.79 -8.29
C HIS B 292 -14.14 21.90 -9.31
N ARG B 293 -15.11 21.61 -10.19
CA ARG B 293 -15.63 22.54 -11.20
C ARG B 293 -17.16 22.37 -11.37
N ASP B 294 -17.74 23.04 -12.38
CA ASP B 294 -19.14 22.97 -12.79
C ASP B 294 -19.45 21.61 -13.47
N SER B 295 -18.84 20.53 -12.98
CA SER B 295 -18.97 19.19 -13.53
C SER B 295 -20.43 18.73 -13.82
N LEU B 296 -21.44 19.20 -13.05
CA LEU B 296 -22.83 18.78 -13.26
C LEU B 296 -23.49 19.46 -14.46
N ASP B 297 -23.25 20.78 -14.60
CA ASP B 297 -23.71 21.60 -15.72
C ASP B 297 -23.17 20.96 -17.02
N LEU B 298 -21.88 20.55 -17.02
CA LEU B 298 -21.21 19.85 -18.13
C LEU B 298 -21.82 18.46 -18.31
N LEU B 299 -22.18 17.79 -17.19
CA LEU B 299 -22.75 16.44 -17.21
C LEU B 299 -24.11 16.41 -17.92
N ASP B 300 -24.89 17.51 -17.81
CA ASP B 300 -26.24 17.65 -18.42
C ASP B 300 -26.26 17.34 -19.92
N LYS B 301 -25.11 17.54 -20.60
CA LYS B 301 -24.86 17.27 -22.02
C LYS B 301 -24.50 15.77 -22.24
C10 1QK C . 3.45 -13.38 18.65
N12 1QK C . 3.34 -15.81 18.50
C13 1QK C . 4.52 -16.08 19.31
C15 1QK C . 3.01 -16.89 21.12
C17 1QK C . 3.55 -16.64 23.45
C22 1QK C . 4.71 -10.81 19.26
C24 1QK C . 4.01 -8.53 20.06
C26 1QK C . 2.72 -9.65 18.21
C28 1QK C . 3.31 -9.79 15.71
C01 1QK C . -0.67 -12.38 14.17
C02 1QK C . -0.78 -12.49 15.65
C03 1QK C . 0.16 -13.51 16.26
C04 1QK C . 0.15 -14.90 16.09
N05 1QK C . 1.11 -15.51 16.77
N06 1QK C . 1.78 -14.49 17.41
C07 1QK C . 1.23 -13.27 17.12
N08 1QK C . 1.75 -12.12 17.57
C09 1QK C . 2.86 -12.15 18.29
C11 1QK C . 2.89 -14.57 18.20
C14 1QK C . 4.17 -16.37 20.72
C16 1QK C . 2.69 -17.04 22.49
N18 1QK C . 4.74 -16.06 23.15
C19 1QK C . 5.20 -15.98 21.76
O20 1QK C . 4.83 -14.76 23.71
N21 1QK C . 3.41 -10.90 18.58
C23 1QK C . 4.63 -9.86 20.46
C25 1QK C . 2.65 -8.71 19.40
C27 1QK C . 3.31 -8.96 16.97
O29 1QK C . 2.00 -9.93 15.18
C1 GOL D . 11.81 -23.85 15.03
O1 GOL D . 11.74 -24.66 13.86
C2 GOL D . 11.30 -24.60 16.23
O2 GOL D . 12.10 -25.76 16.45
C3 GOL D . 11.35 -23.72 17.46
O3 GOL D . 10.86 -24.42 18.58
#